data_6EU8
#
_entry.id   6EU8
#
_cell.length_a   68.050
_cell.length_b   68.050
_cell.length_c   90.220
_cell.angle_alpha   90.00
_cell.angle_beta   90.00
_cell.angle_gamma   120.00
#
_symmetry.space_group_name_H-M   'P 31 2 1'
#
loop_
_entity.id
_entity.type
_entity.pdbx_description
1 polymer 'Putative heme binding protein'
2 non-polymer 'MALONATE ION'
3 water water
#
_entity_poly.entity_id   1
_entity_poly.type   'polypeptide(L)'
_entity_poly.pdbx_seq_one_letter_code
;MDKKDDVKETIKKSKTIDATKYEMWTYVNLETGQTETHRDFSEWHVMKNGKLLETIPAKGSEADIKIKWHIAIHRFDIRT
NEGEAIATKETEFSKVTGLPAGDYKKDVEIKDKMLVGFNMADMMKSKFTVAGMAKVNPVLKTWIVENPMGKAPVLSKSVF
VVKFKDGSYAKIKFTDATNDKQEKGHVSFNYEFQPK
;
_entity_poly.pdbx_strand_id   A
#
loop_
_chem_comp.id
_chem_comp.type
_chem_comp.name
_chem_comp.formula
MLI non-polymer 'MALONATE ION' 'C3 H2 O4 -2'
#
# COMPACT_ATOMS: atom_id res chain seq x y z
N ASP A 5 11.00 28.41 14.89
CA ASP A 5 11.91 27.64 15.80
C ASP A 5 11.29 26.42 16.53
N ASP A 6 9.95 26.24 16.49
CA ASP A 6 9.27 25.09 17.17
C ASP A 6 8.27 24.22 16.34
N VAL A 7 7.92 24.61 15.12
CA VAL A 7 7.14 23.77 14.19
C VAL A 7 8.08 23.39 13.05
N LYS A 8 8.21 22.09 12.78
CA LYS A 8 9.08 21.63 11.69
C LYS A 8 8.45 21.95 10.34
N GLU A 9 9.31 22.13 9.34
CA GLU A 9 8.84 22.44 7.99
C GLU A 9 8.09 21.23 7.41
N THR A 10 7.01 21.52 6.69
CA THR A 10 6.28 20.49 5.92
C THR A 10 7.13 19.98 4.77
N ILE A 11 7.08 18.68 4.51
CA ILE A 11 7.81 18.03 3.45
C ILE A 11 6.77 17.79 2.34
N LYS A 12 6.99 18.40 1.18
CA LYS A 12 6.06 18.33 0.04
C LYS A 12 6.79 17.69 -1.11
N LYS A 13 6.38 16.48 -1.51
CA LYS A 13 7.12 15.70 -2.51
C LYS A 13 6.15 14.81 -3.29
N SER A 14 6.68 14.25 -4.37
CA SER A 14 6.00 13.23 -5.20
C SER A 14 6.86 11.98 -5.19
N LYS A 15 6.24 10.80 -5.32
CA LYS A 15 6.97 9.53 -5.41
C LYS A 15 6.36 8.62 -6.45
N THR A 16 7.20 7.78 -7.04
CA THR A 16 6.75 6.71 -7.94
C THR A 16 7.35 5.40 -7.44
N ILE A 17 6.48 4.43 -7.13
CA ILE A 17 6.86 3.13 -6.55
C ILE A 17 6.58 1.98 -7.52
N ASP A 18 7.59 1.16 -7.79
CA ASP A 18 7.42 -0.06 -8.58
C ASP A 18 6.90 -1.19 -7.69
N ALA A 19 5.57 -1.33 -7.66
CA ALA A 19 4.89 -2.40 -6.90
C ALA A 19 4.32 -3.46 -7.84
N THR A 20 5.00 -3.71 -8.97
CA THR A 20 4.50 -4.68 -9.96
C THR A 20 4.56 -6.14 -9.52
N LYS A 21 5.48 -6.51 -8.63
CA LYS A 21 5.68 -7.91 -8.25
C LYS A 21 4.71 -8.38 -7.16
N TYR A 22 4.02 -9.50 -7.39
CA TYR A 22 3.13 -10.09 -6.37
C TYR A 22 3.88 -10.56 -5.08
N GLU A 23 5.16 -10.88 -5.19
CA GLU A 23 5.95 -11.38 -4.05
C GLU A 23 6.36 -10.32 -3.04
N MET A 24 6.30 -9.01 -3.40
CA MET A 24 7.03 -7.98 -2.69
C MET A 24 6.15 -6.92 -2.01
N TRP A 25 6.70 -6.33 -0.95
CA TRP A 25 6.25 -5.06 -0.40
C TRP A 25 7.35 -4.00 -0.57
N THR A 26 6.98 -2.75 -0.84
CA THR A 26 7.92 -1.61 -0.80
C THR A 26 7.54 -0.71 0.36
N TYR A 27 8.46 -0.55 1.33
CA TYR A 27 8.27 0.25 2.55
C TYR A 27 8.78 1.68 2.29
N VAL A 28 7.98 2.69 2.62
CA VAL A 28 8.24 4.10 2.23
C VAL A 28 8.30 5.02 3.46
N ASN A 29 9.43 5.75 3.59
CA ASN A 29 9.62 6.81 4.57
C ASN A 29 9.27 8.16 3.92
N LEU A 30 8.16 8.74 4.32
CA LEU A 30 7.67 10.01 3.77
C LEU A 30 8.46 11.23 4.27
N GLU A 31 9.12 11.09 5.42
CA GLU A 31 9.92 12.18 5.99
C GLU A 31 11.20 12.34 5.17
N THR A 32 11.90 11.23 4.93
CA THR A 32 13.20 11.21 4.25
C THR A 32 13.17 10.88 2.76
N GLY A 33 12.09 10.26 2.29
CA GLY A 33 12.03 9.74 0.93
C GLY A 33 12.66 8.38 0.66
N GLN A 34 13.29 7.77 1.66
CA GLN A 34 13.94 6.47 1.50
C GLN A 34 12.88 5.39 1.29
N THR A 35 13.24 4.36 0.53
CA THR A 35 12.42 3.15 0.33
C THR A 35 13.26 1.88 0.41
N GLU A 36 12.60 0.76 0.72
CA GLU A 36 13.19 -0.60 0.78
C GLU A 36 12.17 -1.61 0.30
N THR A 37 12.60 -2.54 -0.54
CA THR A 37 11.73 -3.57 -1.08
C THR A 37 12.14 -4.94 -0.50
N HIS A 38 11.19 -5.69 0.07
CA HIS A 38 11.46 -7.03 0.61
C HIS A 38 10.33 -7.99 0.28
N ARG A 39 10.67 -9.26 0.06
CA ARG A 39 9.70 -10.33 -0.12
C ARG A 39 8.80 -10.45 1.12
N ASP A 40 7.49 -10.59 0.91
CA ASP A 40 6.51 -10.81 1.99
C ASP A 40 7.01 -11.85 2.98
N PHE A 41 6.85 -11.57 4.30
CA PHE A 41 7.42 -12.38 5.41
C PHE A 41 6.52 -13.48 5.99
N SER A 42 5.32 -13.68 5.44
CA SER A 42 4.39 -14.66 5.98
C SER A 42 4.71 -16.10 5.46
N GLU A 43 4.09 -17.10 6.09
CA GLU A 43 4.08 -18.43 5.50
C GLU A 43 3.12 -18.38 4.26
N TRP A 44 3.61 -18.82 3.11
CA TRP A 44 2.75 -18.74 1.89
C TRP A 44 2.01 -20.04 1.69
N HIS A 45 0.79 -19.94 1.18
CA HIS A 45 -0.13 -21.07 1.11
C HIS A 45 -0.60 -21.23 -0.34
N VAL A 46 -0.31 -22.42 -0.90
CA VAL A 46 -0.71 -22.76 -2.28
C VAL A 46 -2.13 -23.31 -2.22
N MET A 47 -3.04 -22.65 -2.92
CA MET A 47 -4.44 -23.07 -3.00
C MET A 47 -4.59 -23.85 -4.30
N LYS A 48 -5.15 -25.07 -4.21
CA LYS A 48 -5.38 -25.93 -5.37
C LYS A 48 -6.80 -26.48 -5.23
N ASN A 49 -7.62 -26.28 -6.26
CA ASN A 49 -9.00 -26.74 -6.26
C ASN A 49 -9.82 -26.20 -5.09
N GLY A 50 -9.56 -24.96 -4.69
CA GLY A 50 -10.28 -24.27 -3.63
C GLY A 50 -9.91 -24.60 -2.20
N LYS A 51 -8.86 -25.39 -1.99
CA LYS A 51 -8.42 -25.72 -0.63
C LYS A 51 -6.92 -25.57 -0.48
N LEU A 52 -6.53 -25.30 0.78
CA LEU A 52 -5.14 -25.16 1.15
C LEU A 52 -4.47 -26.50 0.92
N LEU A 53 -3.52 -26.54 0.00
CA LEU A 53 -2.83 -27.77 -0.39
C LEU A 53 -1.41 -27.84 0.14
N GLU A 54 -0.58 -26.83 -0.17
CA GLU A 54 0.84 -26.85 0.15
C GLU A 54 1.25 -25.60 0.90
N THR A 55 2.39 -25.70 1.60
CA THR A 55 3.00 -24.54 2.27
C THR A 55 4.36 -24.20 1.69
N ILE A 56 4.74 -22.94 1.77
CA ILE A 56 6.08 -22.45 1.46
C ILE A 56 6.58 -21.75 2.71
N PRO A 57 7.79 -22.13 3.22
CA PRO A 57 8.20 -21.62 4.52
C PRO A 57 8.33 -20.11 4.59
N ALA A 58 7.93 -19.55 5.72
CA ALA A 58 8.17 -18.14 6.03
C ALA A 58 9.67 -17.83 5.99
N LYS A 59 10.05 -16.72 5.35
CA LYS A 59 11.45 -16.31 5.25
CA LYS A 59 11.45 -16.29 5.21
C LYS A 59 11.64 -14.86 5.69
N GLY A 60 12.71 -14.61 6.47
CA GLY A 60 12.95 -13.28 7.02
C GLY A 60 11.95 -12.80 8.05
N SER A 61 11.99 -11.51 8.32
CA SER A 61 11.06 -10.84 9.21
C SER A 61 11.18 -9.32 9.05
N GLU A 62 10.23 -8.61 9.64
CA GLU A 62 10.22 -7.14 9.60
C GLU A 62 11.47 -6.52 10.23
N ALA A 63 12.18 -7.27 11.09
CA ALA A 63 13.51 -6.83 11.55
C ALA A 63 14.54 -6.64 10.44
N ASP A 64 14.33 -7.27 9.28
CA ASP A 64 15.17 -7.04 8.09
C ASP A 64 15.00 -5.67 7.44
N ILE A 65 13.99 -4.91 7.85
CA ILE A 65 13.76 -3.56 7.32
C ILE A 65 14.63 -2.60 8.13
N LYS A 66 15.57 -1.94 7.47
CA LYS A 66 16.53 -1.05 8.17
C LYS A 66 15.99 0.38 8.40
N ILE A 67 15.25 0.92 7.43
CA ILE A 67 14.70 2.28 7.56
C ILE A 67 13.50 2.34 8.48
N LYS A 68 13.24 3.52 9.07
CA LYS A 68 11.91 3.86 9.59
C LYS A 68 10.99 4.03 8.38
N TRP A 69 9.71 3.76 8.56
CA TRP A 69 8.75 3.86 7.44
C TRP A 69 7.32 4.14 7.92
N HIS A 70 6.50 4.64 6.97
CA HIS A 70 5.18 5.12 7.24
C HIS A 70 4.07 4.35 6.51
N ILE A 71 4.27 4.13 5.21
CA ILE A 71 3.32 3.33 4.40
C ILE A 71 4.09 2.27 3.60
N ALA A 72 3.39 1.20 3.20
CA ALA A 72 3.96 0.14 2.35
C ALA A 72 2.94 -0.29 1.30
N ILE A 73 3.47 -0.67 0.13
CA ILE A 73 2.67 -0.91 -1.07
C ILE A 73 3.02 -2.30 -1.65
N HIS A 74 1.97 -3.09 -1.94
CA HIS A 74 2.07 -4.39 -2.62
C HIS A 74 1.00 -4.36 -3.71
N ARG A 75 1.39 -4.41 -4.99
CA ARG A 75 0.41 -4.19 -6.06
C ARG A 75 -0.44 -2.95 -5.74
N PHE A 76 -1.78 -3.02 -5.65
CA PHE A 76 -2.59 -1.84 -5.28
C PHE A 76 -3.02 -1.85 -3.81
N ASP A 77 -2.51 -2.83 -3.06
CA ASP A 77 -2.73 -2.90 -1.59
C ASP A 77 -1.80 -1.90 -0.87
N ILE A 78 -2.38 -1.13 0.05
CA ILE A 78 -1.63 -0.10 0.81
C ILE A 78 -1.84 -0.38 2.29
N ARG A 79 -0.74 -0.46 3.04
CA ARG A 79 -0.83 -0.54 4.51
C ARG A 79 -0.02 0.59 5.15
N THR A 80 -0.16 0.70 6.47
CA THR A 80 0.58 1.66 7.28
C THR A 80 1.46 0.92 8.30
N ASN A 81 2.32 1.68 8.99
CA ASN A 81 3.16 1.12 10.08
C ASN A 81 2.47 1.40 11.41
N GLU A 82 1.46 0.61 11.73
CA GLU A 82 0.57 0.83 12.89
C GLU A 82 -0.03 2.26 12.91
N GLY A 83 -0.50 2.71 11.75
CA GLY A 83 -1.17 3.98 11.58
C GLY A 83 -2.66 3.90 11.38
N GLU A 84 -3.27 5.02 11.01
CA GLU A 84 -4.71 5.07 10.77
C GLU A 84 -5.05 6.13 9.74
N ALA A 85 -6.13 5.91 8.98
CA ALA A 85 -6.45 6.77 7.83
C ALA A 85 -7.94 7.12 7.69
N ILE A 86 -8.19 8.27 7.05
CA ILE A 86 -9.49 8.70 6.51
C ILE A 86 -9.38 9.16 5.07
N ALA A 87 -10.49 9.02 4.34
CA ALA A 87 -10.68 9.68 3.05
C ALA A 87 -11.50 10.94 3.27
N THR A 88 -10.89 12.07 2.99
CA THR A 88 -11.59 13.35 3.04
C THR A 88 -12.45 13.52 1.80
N LYS A 89 -13.35 14.49 1.85
CA LYS A 89 -14.13 14.92 0.69
C LYS A 89 -13.41 15.89 -0.22
N GLU A 90 -12.20 16.33 0.16
CA GLU A 90 -11.48 17.34 -0.57
C GLU A 90 -10.65 16.74 -1.71
N THR A 91 -10.43 17.56 -2.74
CA THR A 91 -9.61 17.21 -3.88
CA THR A 91 -9.62 17.21 -3.88
C THR A 91 -8.29 17.99 -3.93
N GLU A 92 -8.13 18.99 -3.06
CA GLU A 92 -6.93 19.84 -3.05
C GLU A 92 -6.35 19.93 -1.64
N PHE A 93 -5.03 19.88 -1.54
CA PHE A 93 -4.36 19.90 -0.22
C PHE A 93 -4.66 21.17 0.57
N SER A 94 -4.72 22.32 -0.12
CA SER A 94 -4.99 23.60 0.57
C SER A 94 -6.37 23.67 1.27
N LYS A 95 -7.30 22.79 0.90
CA LYS A 95 -8.63 22.69 1.52
C LYS A 95 -8.70 21.78 2.74
N VAL A 96 -7.63 21.03 3.02
CA VAL A 96 -7.55 20.18 4.21
C VAL A 96 -6.73 20.98 5.21
N THR A 97 -7.40 21.55 6.21
CA THR A 97 -6.73 22.48 7.12
C THR A 97 -6.29 21.68 8.34
N GLY A 98 -4.98 21.56 8.50
CA GLY A 98 -4.40 20.87 9.65
C GLY A 98 -4.70 19.39 9.62
N LEU A 99 -4.75 18.78 10.80
CA LEU A 99 -5.12 17.39 10.96
C LEU A 99 -6.62 17.34 11.21
N PRO A 100 -7.41 16.89 10.23
CA PRO A 100 -8.84 16.92 10.48
C PRO A 100 -9.28 15.90 11.49
N ALA A 101 -10.38 16.21 12.17
CA ALA A 101 -11.09 15.24 12.98
C ALA A 101 -11.83 14.31 12.04
N GLY A 102 -12.15 13.12 12.53
CA GLY A 102 -12.82 12.11 11.73
C GLY A 102 -12.71 10.70 12.31
N ASP A 103 -13.30 9.74 11.60
CA ASP A 103 -13.34 8.34 12.01
C ASP A 103 -12.20 7.55 11.33
N TYR A 104 -11.01 7.66 11.92
CA TYR A 104 -9.79 7.05 11.38
C TYR A 104 -9.84 5.53 11.56
N LYS A 105 -9.41 4.79 10.52
CA LYS A 105 -9.36 3.35 10.56
C LYS A 105 -7.93 2.77 10.52
N LYS A 106 -7.65 1.86 11.43
CA LYS A 106 -6.38 1.14 11.50
C LYS A 106 -6.36 -0.02 10.46
N ASP A 107 -5.17 -0.55 10.22
CA ASP A 107 -5.01 -1.68 9.28
C ASP A 107 -5.72 -2.93 9.83
N VAL A 108 -6.19 -3.79 8.92
CA VAL A 108 -6.82 -5.08 9.27
C VAL A 108 -5.96 -6.24 8.79
N GLU A 109 -6.07 -7.37 9.45
CA GLU A 109 -5.38 -8.61 9.09
C GLU A 109 -6.28 -9.44 8.20
N ILE A 110 -5.73 -9.90 7.07
CA ILE A 110 -6.46 -10.78 6.14
C ILE A 110 -5.72 -12.10 5.97
N LYS A 111 -6.45 -13.20 6.15
CA LYS A 111 -5.91 -14.57 6.15
C LYS A 111 -6.14 -15.28 4.80
N ASP A 112 -5.06 -15.76 4.19
CA ASP A 112 -5.12 -16.57 2.95
C ASP A 112 -5.91 -15.87 1.86
N LYS A 113 -5.63 -14.59 1.69
CA LYS A 113 -6.40 -13.76 0.74
C LYS A 113 -5.53 -12.94 -0.20
N MET A 114 -4.42 -12.36 0.28
CA MET A 114 -3.59 -11.49 -0.57
C MET A 114 -2.70 -12.28 -1.52
N LEU A 115 -2.79 -12.02 -2.84
CA LEU A 115 -2.01 -12.78 -3.81
C LEU A 115 -0.52 -12.50 -3.73
N VAL A 116 0.27 -13.57 -3.61
CA VAL A 116 1.72 -13.50 -3.71
C VAL A 116 2.35 -14.32 -4.87
N GLY A 117 1.50 -15.03 -5.62
CA GLY A 117 1.95 -15.83 -6.78
C GLY A 117 0.74 -16.06 -7.68
N PHE A 118 0.86 -15.56 -8.91
CA PHE A 118 -0.26 -15.59 -9.87
C PHE A 118 0.24 -15.65 -11.32
N ASN A 119 -0.19 -16.68 -12.05
CA ASN A 119 0.06 -16.77 -13.52
C ASN A 119 -1.03 -17.59 -14.19
N MET A 120 -1.14 -17.46 -15.53
CA MET A 120 -2.27 -18.10 -16.20
CA MET A 120 -2.18 -18.10 -16.35
C MET A 120 -2.16 -19.62 -16.29
N ALA A 121 -0.97 -20.18 -16.48
CA ALA A 121 -0.81 -21.65 -16.56
C ALA A 121 -1.26 -22.32 -15.26
N ASP A 122 -0.84 -21.77 -14.12
CA ASP A 122 -1.32 -22.27 -12.83
C ASP A 122 -2.80 -22.00 -12.57
N MET A 123 -3.29 -20.83 -12.99
CA MET A 123 -4.70 -20.49 -12.82
C MET A 123 -5.62 -21.47 -13.55
N MET A 124 -5.22 -21.87 -14.75
CA MET A 124 -5.99 -22.87 -15.52
C MET A 124 -5.99 -24.25 -14.89
N LYS A 125 -5.03 -24.53 -14.00
CA LYS A 125 -5.03 -25.69 -13.11
C LYS A 125 -5.66 -25.42 -11.72
N SER A 126 -6.43 -24.33 -11.61
CA SER A 126 -7.06 -23.87 -10.39
C SER A 126 -6.07 -23.74 -9.22
N LYS A 127 -4.92 -23.14 -9.49
CA LYS A 127 -3.82 -23.02 -8.51
C LYS A 127 -3.30 -21.59 -8.45
N PHE A 128 -3.10 -21.09 -7.22
CA PHE A 128 -2.49 -19.77 -7.01
C PHE A 128 -1.98 -19.72 -5.55
N THR A 129 -1.13 -18.73 -5.26
CA THR A 129 -0.47 -18.65 -3.92
C THR A 129 -0.88 -17.36 -3.19
N VAL A 130 -1.23 -17.51 -1.92
CA VAL A 130 -1.64 -16.37 -1.04
C VAL A 130 -0.74 -16.27 0.22
N ALA A 131 -0.66 -15.05 0.76
CA ALA A 131 0.01 -14.80 2.04
C ALA A 131 -0.80 -15.42 3.17
N GLY A 132 -0.17 -16.19 4.06
CA GLY A 132 -0.92 -16.76 5.20
C GLY A 132 -1.63 -15.70 6.05
N MET A 133 -0.92 -14.60 6.31
CA MET A 133 -1.48 -13.44 6.94
C MET A 133 -0.86 -12.19 6.34
N ALA A 134 -1.68 -11.17 6.10
CA ALA A 134 -1.20 -9.87 5.65
C ALA A 134 -2.03 -8.74 6.27
N LYS A 135 -1.41 -7.57 6.35
CA LYS A 135 -2.05 -6.36 6.86
C LYS A 135 -2.28 -5.38 5.72
N VAL A 136 -3.50 -4.83 5.63
CA VAL A 136 -3.91 -3.87 4.60
C VAL A 136 -4.80 -2.82 5.26
N ASN A 137 -4.77 -1.58 4.80
CA ASN A 137 -5.64 -0.55 5.33
C ASN A 137 -6.93 -0.46 4.51
N PRO A 138 -8.12 -0.62 5.15
CA PRO A 138 -9.37 -0.69 4.39
C PRO A 138 -9.85 0.66 3.84
N VAL A 139 -9.36 1.79 4.40
CA VAL A 139 -9.62 3.12 3.85
C VAL A 139 -8.69 3.38 2.64
N LEU A 140 -7.40 3.17 2.79
CA LEU A 140 -6.48 3.44 1.70
C LEU A 140 -6.75 2.55 0.49
N LYS A 141 -7.34 1.38 0.69
CA LYS A 141 -7.68 0.46 -0.44
C LYS A 141 -8.60 1.14 -1.44
N THR A 142 -9.42 2.07 -0.97
CA THR A 142 -10.34 2.80 -1.85
C THR A 142 -9.71 3.80 -2.80
N TRP A 143 -8.38 3.99 -2.80
CA TRP A 143 -7.70 4.82 -3.79
C TRP A 143 -7.99 4.35 -5.23
N ILE A 144 -8.28 3.06 -5.39
CA ILE A 144 -8.77 2.49 -6.66
C ILE A 144 -10.30 2.38 -6.57
N VAL A 145 -11.02 3.05 -7.48
CA VAL A 145 -12.45 2.89 -7.59
C VAL A 145 -12.76 1.55 -8.31
N GLU A 146 -12.11 1.33 -9.45
CA GLU A 146 -12.28 0.10 -10.26
C GLU A 146 -10.95 -0.32 -10.85
N ASN A 147 -10.71 -1.63 -10.92
CA ASN A 147 -9.54 -2.19 -11.62
C ASN A 147 -9.96 -3.37 -12.54
N PRO A 148 -10.63 -3.06 -13.66
CA PRO A 148 -11.08 -4.13 -14.58
C PRO A 148 -9.91 -4.87 -15.22
N MET A 149 -10.01 -6.20 -15.30
CA MET A 149 -8.96 -7.05 -15.91
C MET A 149 -8.67 -6.60 -17.36
N GLY A 150 -7.40 -6.39 -17.66
CA GLY A 150 -6.96 -5.92 -19.00
C GLY A 150 -7.14 -4.46 -19.35
N LYS A 151 -7.82 -3.68 -18.48
CA LYS A 151 -8.25 -2.31 -18.78
C LYS A 151 -7.70 -1.29 -17.75
N ALA A 152 -7.85 -0.01 -18.05
CA ALA A 152 -7.30 1.06 -17.21
C ALA A 152 -7.94 1.08 -15.83
N PRO A 153 -7.12 1.14 -14.74
CA PRO A 153 -7.69 1.43 -13.43
C PRO A 153 -8.32 2.83 -13.36
N VAL A 154 -9.37 2.98 -12.57
CA VAL A 154 -10.03 4.28 -12.32
C VAL A 154 -9.67 4.67 -10.87
N LEU A 155 -9.02 5.83 -10.70
CA LEU A 155 -8.51 6.31 -9.38
C LEU A 155 -9.49 7.27 -8.72
N SER A 156 -9.56 7.21 -7.40
CA SER A 156 -10.29 8.20 -6.61
C SER A 156 -9.59 9.54 -6.74
N LYS A 157 -10.38 10.61 -6.69
CA LYS A 157 -9.84 11.99 -6.68
C LYS A 157 -9.71 12.55 -5.24
N SER A 158 -10.00 11.73 -4.22
CA SER A 158 -9.96 12.18 -2.82
C SER A 158 -8.54 12.38 -2.28
N VAL A 159 -8.39 13.41 -1.44
CA VAL A 159 -7.21 13.54 -0.56
C VAL A 159 -7.43 12.66 0.67
N PHE A 160 -6.48 11.74 0.91
CA PHE A 160 -6.42 10.94 2.13
C PHE A 160 -5.57 11.61 3.20
N VAL A 161 -5.92 11.39 4.46
CA VAL A 161 -5.06 11.79 5.58
C VAL A 161 -4.72 10.55 6.40
N VAL A 162 -3.42 10.38 6.66
CA VAL A 162 -2.91 9.25 7.44
C VAL A 162 -2.15 9.79 8.65
N LYS A 163 -2.50 9.28 9.83
CA LYS A 163 -1.82 9.58 11.11
C LYS A 163 -0.88 8.44 11.47
N PHE A 164 0.37 8.76 11.84
CA PHE A 164 1.44 7.78 12.08
C PHE A 164 1.75 7.58 13.57
N LYS A 165 2.46 6.48 13.88
CA LYS A 165 2.67 6.03 15.26
C LYS A 165 3.48 7.00 16.12
N ASP A 166 4.27 7.87 15.48
CA ASP A 166 4.98 8.96 16.19
C ASP A 166 4.22 10.31 16.34
N GLY A 167 2.95 10.38 15.92
CA GLY A 167 2.21 11.65 15.91
C GLY A 167 2.32 12.51 14.64
N SER A 168 3.21 12.15 13.71
N SER A 168 3.21 12.15 13.71
CA SER A 168 3.25 12.81 12.42
CA SER A 168 3.29 12.78 12.39
C SER A 168 1.99 12.46 11.64
C SER A 168 2.10 12.36 11.57
N TYR A 169 1.80 13.14 10.53
CA TYR A 169 0.69 12.85 9.61
C TYR A 169 0.98 13.35 8.20
N ALA A 170 0.30 12.74 7.21
CA ALA A 170 0.41 13.18 5.82
C ALA A 170 -0.95 13.30 5.16
N LYS A 171 -1.03 14.28 4.25
CA LYS A 171 -2.06 14.36 3.22
C LYS A 171 -1.50 13.71 1.98
N ILE A 172 -2.26 12.78 1.39
CA ILE A 172 -1.81 12.01 0.22
C ILE A 172 -2.85 12.04 -0.90
N LYS A 173 -2.41 12.36 -2.12
CA LYS A 173 -3.27 12.28 -3.32
C LYS A 173 -2.56 11.39 -4.33
N PHE A 174 -3.19 10.25 -4.66
CA PHE A 174 -2.64 9.32 -5.65
C PHE A 174 -2.93 9.86 -7.03
N THR A 175 -1.93 9.79 -7.90
CA THR A 175 -2.04 10.36 -9.25
C THR A 175 -1.99 9.35 -10.38
N ASP A 176 -1.32 8.22 -10.19
CA ASP A 176 -1.19 7.20 -11.24
C ASP A 176 -1.09 5.79 -10.66
N ALA A 177 -1.64 4.83 -11.40
CA ALA A 177 -1.51 3.38 -11.09
C ALA A 177 -0.79 2.58 -12.17
N THR A 178 -0.46 3.24 -13.29
CA THR A 178 0.32 2.66 -14.35
C THR A 178 1.45 3.63 -14.74
N ASN A 179 2.47 3.09 -15.39
CA ASN A 179 3.55 3.90 -16.01
C ASN A 179 3.10 4.40 -17.40
N ASP A 180 4.01 5.03 -18.16
CA ASP A 180 3.67 5.59 -19.47
C ASP A 180 3.43 4.52 -20.56
N LYS A 181 3.82 3.26 -20.31
CA LYS A 181 3.44 2.12 -21.17
C LYS A 181 2.20 1.37 -20.65
N GLN A 182 1.49 1.98 -19.69
CA GLN A 182 0.25 1.45 -19.14
CA GLN A 182 0.25 1.43 -19.15
C GLN A 182 0.44 0.09 -18.42
N GLU A 183 1.64 -0.16 -17.91
CA GLU A 183 1.91 -1.37 -17.07
C GLU A 183 1.35 -1.11 -15.66
N LYS A 184 0.42 -1.96 -15.21
CA LYS A 184 -0.18 -1.81 -13.85
C LYS A 184 0.83 -2.09 -12.75
N GLY A 185 0.73 -1.31 -11.65
CA GLY A 185 1.56 -1.53 -10.44
C GLY A 185 2.66 -0.51 -10.19
N HIS A 186 2.76 0.50 -11.08
CA HIS A 186 3.66 1.64 -10.87
C HIS A 186 2.79 2.71 -10.25
N VAL A 187 2.93 2.85 -8.92
CA VAL A 187 2.03 3.68 -8.11
C VAL A 187 2.68 5.02 -7.83
N SER A 188 2.05 6.10 -8.29
CA SER A 188 2.55 7.50 -8.06
C SER A 188 1.60 8.30 -7.18
N PHE A 189 2.15 9.13 -6.26
CA PHE A 189 1.35 10.00 -5.43
C PHE A 189 2.12 11.26 -5.06
N ASN A 190 1.37 12.33 -4.83
CA ASN A 190 1.89 13.56 -4.23
C ASN A 190 1.53 13.53 -2.76
N TYR A 191 2.37 14.10 -1.89
CA TYR A 191 2.03 14.20 -0.48
C TYR A 191 2.55 15.47 0.23
N GLU A 192 1.95 15.78 1.36
CA GLU A 192 2.42 16.84 2.29
C GLU A 192 2.49 16.21 3.70
N PHE A 193 3.71 16.00 4.19
CA PHE A 193 3.99 15.30 5.47
C PHE A 193 4.37 16.34 6.55
N GLN A 194 3.69 16.28 7.69
CA GLN A 194 4.02 17.13 8.87
C GLN A 194 4.86 16.32 9.90
N PRO A 195 6.21 16.57 9.99
CA PRO A 195 7.01 15.88 11.02
C PRO A 195 6.72 16.36 12.44
N LYS A 196 7.00 15.49 13.41
CA LYS A 196 6.97 15.85 14.84
C LYS A 196 8.40 15.87 15.36
C1 MLI B . -3.37 -7.49 -15.04
C2 MLI B . -4.62 -6.84 -15.55
C3 MLI B . -2.18 -6.58 -15.15
O6 MLI B . -5.45 -6.39 -14.76
O7 MLI B . -4.80 -6.77 -16.79
O8 MLI B . -1.28 -6.61 -14.27
O9 MLI B . -2.12 -5.81 -16.13
#